data_9OWC
#
_entry.id   9OWC
#
_cell.length_a   57.780
_cell.length_b   58.358
_cell.length_c   132.166
_cell.angle_alpha   90.00
_cell.angle_beta   90.00
_cell.angle_gamma   90.00
#
_symmetry.space_group_name_H-M   'P 21 21 21'
#
loop_
_entity.id
_entity.type
_entity.pdbx_description
1 polymer "Bifunctional 3'-5' exonuclease/ATP-dependent helicase WRN"
2 non-polymer 'ZINC ION'
3 non-polymer "N-[2-chloro-4-(trifluoromethyl)phenyl]-2-[(5S,9R)-1'-(3-hydroxypyridine-2-carbonyl)-5-methyl-2-(morpholin-4-yl)-8-oxo-5,8-dihydrospiro[cyclopenta[d][1,2,4]triazolo[1,5-a]pyrimidine-7,4'-piperidin]-4(6H)-yl]acetamide"
4 non-polymer 1,2-ETHANEDIOL
5 non-polymer 'DIMETHYL SULFOXIDE'
6 water water
#
_entity_poly.entity_id   1
_entity_poly.type   'polypeptide(L)'
_entity_poly.pdbx_seq_one_letter_code
;NLGLPTKEEEEDDENEANEGEEDDDKDFLWPAPNEEQVTCLKMYFGHSSFKPVQWKVIHSVLEERRDNVAVMATGYGKSL
CFQYPPVYVGKIGLVISPLISLMEDQVLQLKMSNIPACFLGSAQSENVLTDIKLGKYRIVYVTPEYCSGNMGLLQQLEAD
IGITLIAVDEAHCISEWGHDFRDSFRKLGSLKTALPMVPIVALTATASSSIREDIVRCLNLRNPQITCTGFDRPNLYLEV
RRKTGNILQDLQPFLVKTSSHWEFEGPTIIYCPSRKMTQQVTGELRKLNLSCGTYHAGMSFSTRKDIHHRFVRDEIQCVI
ATIAFGMGINKADIRQVIHYGAPKDMESYYQEIGRAGRDGLQSSCHVLWAPADINLNRHLLTEIRNEKFRLYKLKMMAKM
EKYLHSSRCRRQIILSHFEDKQVQKASLGIMGTEKCCDNCRSR
;
_entity_poly.pdbx_strand_id   A
#
loop_
_chem_comp.id
_chem_comp.type
_chem_comp.name
_chem_comp.formula
A1CEY non-polymer N-[2-chloro-4-(trifluoromethyl)phenyl]-2-[(5S,9R)-1'-(3-hydroxypyridine-2-carbonyl)-5-methyl-2-(morpholin-4-yl)-8-oxo-5,8-dihydrospiro[cyclopenta[d][1,2,4]triazolo[1,5-a]pyrimidine-7,4'-piperidin]-4(6H)-yl]acetamide 'C32 H32 Cl F3 N8 O5'
DMS non-polymer 'DIMETHYL SULFOXIDE' 'C2 H6 O S'
EDO non-polymer 1,2-ETHANEDIOL 'C2 H6 O2'
ZN non-polymer 'ZINC ION' 'Zn 2'
#
# COMPACT_ATOMS: atom_id res chain seq x y z
N GLU A 11 -35.31 -3.07 -5.21
CA GLU A 11 -34.94 -3.77 -3.94
C GLU A 11 -33.69 -3.13 -3.33
N ASP A 12 -33.45 -3.37 -2.02
CA ASP A 12 -32.24 -2.91 -1.29
C ASP A 12 -31.02 -3.65 -1.82
N ASP A 13 -29.97 -2.92 -2.24
CA ASP A 13 -28.75 -3.47 -2.89
C ASP A 13 -27.65 -3.73 -1.85
N GLU A 14 -27.69 -3.05 -0.70
CA GLU A 14 -26.73 -3.26 0.44
C GLU A 14 -27.44 -3.00 1.78
N ASN A 15 -26.80 -3.37 2.89
CA ASN A 15 -27.31 -3.09 4.27
C ASN A 15 -26.13 -2.71 5.17
N GLU A 16 -25.16 -1.95 4.63
CA GLU A 16 -23.86 -1.65 5.28
C GLU A 16 -24.05 -0.83 6.58
N ALA A 17 -25.07 0.04 6.62
CA ALA A 17 -25.36 0.93 7.78
C ALA A 17 -25.57 0.12 9.06
N ASN A 18 -24.97 0.56 10.18
CA ASN A 18 -25.12 -0.03 11.53
C ASN A 18 -25.62 1.03 12.52
N GLU A 19 -26.36 0.61 13.55
CA GLU A 19 -26.77 1.47 14.69
C GLU A 19 -25.54 1.90 15.49
N GLY A 20 -25.50 3.17 15.89
CA GLY A 20 -24.47 3.73 16.78
C GLY A 20 -23.21 4.16 16.04
N GLU A 21 -23.26 4.32 14.71
CA GLU A 21 -22.11 4.71 13.86
C GLU A 21 -22.61 5.51 12.65
N GLU A 22 -21.91 6.61 12.33
CA GLU A 22 -22.00 7.35 11.03
C GLU A 22 -20.65 7.23 10.33
N ASP A 23 -20.33 6.02 9.84
CA ASP A 23 -19.02 5.65 9.26
C ASP A 23 -19.17 5.40 7.76
N ASP A 24 -18.64 6.32 6.94
CA ASP A 24 -18.41 6.15 5.48
C ASP A 24 -16.94 5.75 5.26
N ASP A 25 -16.63 5.14 4.11
CA ASP A 25 -15.26 4.76 3.69
C ASP A 25 -14.39 6.02 3.51
N LYS A 26 -14.99 7.16 3.16
CA LYS A 26 -14.32 8.48 2.94
C LYS A 26 -13.73 9.04 4.25
N ASP A 27 -14.29 8.65 5.41
CA ASP A 27 -13.91 9.16 6.76
C ASP A 27 -12.46 8.79 7.10
N PHE A 28 -11.87 7.79 6.43
CA PHE A 28 -10.54 7.23 6.75
C PHE A 28 -9.53 7.59 5.64
N LEU A 29 -9.86 8.61 4.83
CA LEU A 29 -8.98 9.17 3.77
C LEU A 29 -8.50 10.56 4.20
N TRP A 30 -7.21 10.84 4.01
CA TRP A 30 -6.59 12.16 4.34
C TRP A 30 -5.75 12.66 3.18
N PRO A 31 -6.01 13.88 2.61
CA PRO A 31 -7.20 14.68 2.92
C PRO A 31 -8.45 14.01 2.35
N ALA A 32 -9.64 14.44 2.79
CA ALA A 32 -10.92 13.92 2.26
C ALA A 32 -11.02 14.28 0.78
N PRO A 33 -11.46 13.34 -0.10
CA PRO A 33 -11.95 13.71 -1.42
C PRO A 33 -13.02 14.80 -1.29
N ASN A 34 -12.98 15.81 -2.16
CA ASN A 34 -13.97 16.91 -2.18
C ASN A 34 -15.24 16.41 -2.88
N GLU A 35 -16.32 17.21 -2.85
CA GLU A 35 -17.65 16.81 -3.38
CA GLU A 35 -17.65 16.79 -3.38
C GLU A 35 -17.55 16.47 -4.87
N GLU A 36 -16.84 17.30 -5.65
CA GLU A 36 -16.73 17.10 -7.13
C GLU A 36 -15.92 15.83 -7.42
N GLN A 37 -14.92 15.51 -6.60
CA GLN A 37 -14.11 14.28 -6.77
C GLN A 37 -15.02 13.06 -6.59
N VAL A 38 -15.91 13.09 -5.58
CA VAL A 38 -16.89 11.99 -5.34
C VAL A 38 -17.89 11.95 -6.51
N THR A 39 -18.43 13.10 -6.93
CA THR A 39 -19.42 13.19 -8.05
C THR A 39 -18.79 12.59 -9.31
N CYS A 40 -17.53 12.94 -9.59
CA CYS A 40 -16.76 12.44 -10.76
CA CYS A 40 -16.78 12.43 -10.77
C CYS A 40 -16.63 10.91 -10.68
N LEU A 41 -16.28 10.40 -9.49
CA LEU A 41 -16.12 8.94 -9.26
C LEU A 41 -17.45 8.23 -9.57
N LYS A 42 -18.56 8.75 -9.04
CA LYS A 42 -19.91 8.16 -9.26
C LYS A 42 -20.27 8.24 -10.75
N MET A 43 -20.14 9.43 -11.35
CA MET A 43 -20.62 9.74 -12.73
C MET A 43 -19.89 8.86 -13.76
N TYR A 44 -18.57 8.75 -13.65
CA TYR A 44 -17.71 8.18 -14.73
C TYR A 44 -17.25 6.76 -14.39
N PHE A 45 -17.28 6.33 -13.12
CA PHE A 45 -16.75 5.00 -12.69
C PHE A 45 -17.78 4.18 -11.90
N GLY A 46 -18.94 4.73 -11.54
CA GLY A 46 -20.04 4.01 -10.85
C GLY A 46 -19.68 3.53 -9.46
N HIS A 47 -18.73 4.19 -8.78
CA HIS A 47 -18.29 3.87 -7.39
C HIS A 47 -18.62 5.05 -6.48
N SER A 48 -18.90 4.75 -5.21
CA SER A 48 -19.29 5.74 -4.15
C SER A 48 -18.06 6.20 -3.36
N SER A 49 -17.00 5.39 -3.32
CA SER A 49 -15.82 5.63 -2.44
C SER A 49 -14.54 5.11 -3.09
N PHE A 50 -13.42 5.64 -2.61
CA PHE A 50 -12.05 5.17 -2.93
C PHE A 50 -11.60 4.23 -1.82
N LYS A 51 -10.91 3.14 -2.19
CA LYS A 51 -10.12 2.33 -1.23
C LYS A 51 -8.91 3.17 -0.82
N PRO A 52 -8.36 2.98 0.41
CA PRO A 52 -7.21 3.75 0.86
C PRO A 52 -6.06 3.80 -0.16
N VAL A 53 -5.65 2.66 -0.72
CA VAL A 53 -4.52 2.59 -1.71
C VAL A 53 -4.87 3.40 -2.96
N GLN A 54 -6.11 3.32 -3.43
CA GLN A 54 -6.55 4.03 -4.65
C GLN A 54 -6.39 5.53 -4.41
N TRP A 55 -6.84 6.01 -3.26
CA TRP A 55 -6.72 7.44 -2.88
C TRP A 55 -5.24 7.82 -2.72
N LYS A 56 -4.43 6.97 -2.09
CA LYS A 56 -2.97 7.23 -1.91
C LYS A 56 -2.34 7.51 -3.29
N VAL A 57 -2.64 6.68 -4.29
CA VAL A 57 -2.04 6.82 -5.65
C VAL A 57 -2.62 8.08 -6.30
N ILE A 58 -3.94 8.21 -6.33
CA ILE A 58 -4.65 9.30 -7.04
C ILE A 58 -4.21 10.65 -6.48
N HIS A 59 -4.27 10.82 -5.16
CA HIS A 59 -3.90 12.09 -4.49
C HIS A 59 -2.41 12.41 -4.76
N SER A 60 -1.52 11.42 -4.68
CA SER A 60 -0.06 11.62 -4.92
C SER A 60 0.18 12.11 -6.36
N VAL A 61 -0.57 11.59 -7.32
CA VAL A 61 -0.48 12.01 -8.75
C VAL A 61 -1.03 13.44 -8.89
N LEU A 62 -2.25 13.69 -8.41
CA LEU A 62 -2.95 15.00 -8.65
C LEU A 62 -2.25 16.15 -7.91
N GLU A 63 -1.91 15.96 -6.63
CA GLU A 63 -1.53 17.08 -5.74
C GLU A 63 0.00 17.19 -5.60
N GLU A 64 0.75 16.08 -5.69
CA GLU A 64 2.22 16.07 -5.53
C GLU A 64 2.96 15.78 -6.86
N ARG A 65 2.27 15.31 -7.89
CA ARG A 65 2.87 14.89 -9.19
C ARG A 65 3.97 13.86 -8.89
N ARG A 66 3.65 12.88 -8.05
CA ARG A 66 4.66 11.94 -7.49
C ARG A 66 4.62 10.66 -8.30
N ASP A 67 5.81 10.17 -8.68
CA ASP A 67 5.99 8.83 -9.27
C ASP A 67 5.46 7.76 -8.29
N ASN A 68 4.91 6.69 -8.83
CA ASN A 68 4.36 5.55 -8.03
C ASN A 68 4.88 4.24 -8.63
N VAL A 69 5.21 3.28 -7.76
CA VAL A 69 5.22 1.82 -8.12
C VAL A 69 4.08 1.20 -7.33
N ALA A 70 3.03 0.81 -8.06
CA ALA A 70 1.80 0.22 -7.48
C ALA A 70 1.80 -1.27 -7.83
N VAL A 71 2.17 -2.11 -6.85
CA VAL A 71 2.05 -3.58 -7.00
C VAL A 71 0.59 -3.95 -6.77
N MET A 72 -0.04 -4.57 -7.76
CA MET A 72 -1.47 -4.97 -7.70
C MET A 72 -1.56 -6.41 -8.21
N ALA A 73 -1.85 -7.36 -7.31
CA ALA A 73 -1.89 -8.81 -7.55
C ALA A 73 -2.84 -9.15 -8.71
N THR A 74 -3.96 -8.41 -8.85
CA THR A 74 -4.99 -8.60 -9.89
C THR A 74 -5.43 -7.25 -10.48
N GLY A 75 -6.31 -7.29 -11.49
CA GLY A 75 -6.93 -6.10 -12.10
C GLY A 75 -8.11 -5.55 -11.31
N TYR A 76 -8.48 -6.16 -10.18
CA TYR A 76 -9.64 -5.72 -9.34
C TYR A 76 -9.28 -4.43 -8.59
N GLY A 77 -9.83 -3.29 -9.04
CA GLY A 77 -9.60 -1.95 -8.46
C GLY A 77 -8.38 -1.24 -9.01
N LYS A 78 -7.71 -1.84 -10.01
CA LYS A 78 -6.38 -1.39 -10.50
C LYS A 78 -6.53 -0.18 -11.44
N SER A 79 -7.41 -0.29 -12.44
CA SER A 79 -7.54 0.70 -13.56
CA SER A 79 -7.53 0.70 -13.55
C SER A 79 -7.91 2.09 -13.02
N LEU A 80 -8.70 2.16 -11.95
CA LEU A 80 -9.17 3.45 -11.39
C LEU A 80 -7.97 4.35 -11.06
N CYS A 81 -6.89 3.78 -10.55
CA CYS A 81 -5.69 4.52 -10.07
CA CYS A 81 -5.73 4.58 -10.04
C CYS A 81 -5.08 5.39 -11.18
N PHE A 82 -5.12 4.91 -12.44
CA PHE A 82 -4.55 5.67 -13.59
C PHE A 82 -5.63 6.28 -14.49
N GLN A 83 -6.87 5.81 -14.44
CA GLN A 83 -7.96 6.36 -15.30
C GLN A 83 -8.60 7.58 -14.63
N TYR A 84 -8.71 7.58 -13.30
CA TYR A 84 -9.46 8.63 -12.57
C TYR A 84 -8.76 9.99 -12.71
N PRO A 85 -7.44 10.14 -12.43
CA PRO A 85 -6.84 11.47 -12.41
C PRO A 85 -7.06 12.29 -13.67
N PRO A 86 -6.79 11.79 -14.90
CA PRO A 86 -7.00 12.59 -16.11
C PRO A 86 -8.47 12.94 -16.35
N VAL A 87 -9.40 12.06 -15.94
CA VAL A 87 -10.87 12.29 -16.09
C VAL A 87 -11.27 13.45 -15.18
N TYR A 88 -10.78 13.46 -13.94
CA TYR A 88 -11.09 14.52 -12.94
C TYR A 88 -10.61 15.88 -13.44
N VAL A 89 -9.35 16.00 -13.89
CA VAL A 89 -8.76 17.33 -14.28
C VAL A 89 -9.14 17.68 -15.73
N GLY A 90 -9.67 16.74 -16.51
CA GLY A 90 -10.11 16.97 -17.89
C GLY A 90 -8.94 17.22 -18.84
N LYS A 91 -7.81 16.54 -18.61
CA LYS A 91 -6.59 16.67 -19.45
C LYS A 91 -6.37 15.34 -20.14
N ILE A 92 -5.15 14.79 -20.12
CA ILE A 92 -4.83 13.52 -20.84
C ILE A 92 -3.97 12.63 -19.93
N GLY A 93 -4.28 11.34 -19.92
CA GLY A 93 -3.45 10.29 -19.30
C GLY A 93 -3.00 9.31 -20.36
N LEU A 94 -1.73 8.90 -20.32
CA LEU A 94 -1.19 7.90 -21.26
C LEU A 94 -1.07 6.57 -20.51
N VAL A 95 -1.53 5.48 -21.12
CA VAL A 95 -1.37 4.11 -20.57
C VAL A 95 -0.50 3.32 -21.55
N ILE A 96 0.70 2.95 -21.12
CA ILE A 96 1.66 2.17 -21.95
C ILE A 96 1.54 0.70 -21.50
N SER A 97 1.20 -0.20 -22.42
CA SER A 97 1.00 -1.63 -22.10
C SER A 97 1.27 -2.49 -23.32
N PRO A 98 1.77 -3.74 -23.14
CA PRO A 98 1.84 -4.71 -24.22
C PRO A 98 0.62 -5.63 -24.34
N LEU A 99 -0.35 -5.51 -23.43
CA LEU A 99 -1.52 -6.43 -23.32
C LEU A 99 -2.65 -5.90 -24.21
N ILE A 100 -2.60 -6.21 -25.50
CA ILE A 100 -3.43 -5.60 -26.58
C ILE A 100 -4.91 -5.80 -26.25
N SER A 101 -5.34 -7.03 -25.99
CA SER A 101 -6.77 -7.39 -25.80
CA SER A 101 -6.76 -7.42 -25.78
C SER A 101 -7.33 -6.67 -24.58
N LEU A 102 -6.56 -6.61 -23.48
CA LEU A 102 -6.97 -5.93 -22.23
C LEU A 102 -7.10 -4.43 -22.48
N MET A 103 -6.16 -3.85 -23.24
CA MET A 103 -6.18 -2.41 -23.62
C MET A 103 -7.45 -2.13 -24.43
N GLU A 104 -7.78 -2.99 -25.39
CA GLU A 104 -9.00 -2.88 -26.21
C GLU A 104 -10.25 -2.94 -25.29
N ASP A 105 -10.28 -3.90 -24.36
CA ASP A 105 -11.40 -4.08 -23.41
C ASP A 105 -11.58 -2.81 -22.57
N GLN A 106 -10.48 -2.23 -22.09
CA GLN A 106 -10.52 -1.03 -21.20
C GLN A 106 -10.96 0.21 -22.01
N VAL A 107 -10.47 0.36 -23.24
CA VAL A 107 -10.89 1.50 -24.12
C VAL A 107 -12.41 1.42 -24.32
N LEU A 108 -12.96 0.25 -24.60
CA LEU A 108 -14.42 0.10 -24.85
C LEU A 108 -15.19 0.44 -23.56
N GLN A 109 -14.75 -0.07 -22.41
N GLN A 109 -14.74 -0.06 -22.41
CA GLN A 109 -15.37 0.20 -21.08
CA GLN A 109 -15.38 0.19 -21.09
C GLN A 109 -15.40 1.71 -20.82
C GLN A 109 -15.40 1.71 -20.81
N LEU A 110 -14.30 2.41 -21.09
CA LEU A 110 -14.20 3.90 -20.92
C LEU A 110 -15.21 4.58 -21.86
N LYS A 111 -15.27 4.18 -23.13
CA LYS A 111 -16.23 4.74 -24.11
C LYS A 111 -17.68 4.55 -23.62
N MET A 112 -18.00 3.36 -23.10
CA MET A 112 -19.37 3.02 -22.61
C MET A 112 -19.70 3.80 -21.32
N SER A 113 -18.69 4.35 -20.63
CA SER A 113 -18.84 5.23 -19.44
C SER A 113 -18.81 6.72 -19.83
N ASN A 114 -18.84 7.01 -21.14
CA ASN A 114 -18.82 8.39 -21.69
C ASN A 114 -17.49 9.08 -21.35
N ILE A 115 -16.39 8.32 -21.32
CA ILE A 115 -15.00 8.86 -21.23
C ILE A 115 -14.36 8.70 -22.60
N PRO A 116 -13.98 9.80 -23.30
CA PRO A 116 -13.34 9.69 -24.61
C PRO A 116 -11.96 9.06 -24.41
N ALA A 117 -11.77 7.87 -24.99
CA ALA A 117 -10.53 7.08 -24.88
C ALA A 117 -10.26 6.39 -26.22
N CYS A 118 -8.99 6.11 -26.52
CA CYS A 118 -8.64 5.36 -27.75
C CYS A 118 -7.36 4.58 -27.57
N PHE A 119 -7.18 3.60 -28.46
CA PHE A 119 -5.91 2.87 -28.68
CA PHE A 119 -5.90 2.88 -28.67
C PHE A 119 -5.15 3.59 -29.80
N LEU A 120 -3.97 4.12 -29.49
CA LEU A 120 -3.10 4.78 -30.50
C LEU A 120 -1.99 3.81 -30.88
N GLY A 121 -1.86 3.56 -32.19
CA GLY A 121 -0.75 2.83 -32.81
C GLY A 121 -0.62 3.26 -34.26
N SER A 122 0.33 2.70 -35.00
CA SER A 122 0.64 3.08 -36.40
C SER A 122 -0.59 2.92 -37.28
N ALA A 123 -1.29 1.78 -37.17
CA ALA A 123 -2.46 1.44 -38.02
C ALA A 123 -3.69 2.27 -37.62
N GLN A 124 -3.74 2.78 -36.38
CA GLN A 124 -4.91 3.51 -35.82
C GLN A 124 -4.70 5.03 -35.96
N SER A 125 -3.48 5.48 -36.27
CA SER A 125 -3.04 6.90 -36.20
C SER A 125 -3.88 7.78 -37.12
N GLU A 126 -4.10 7.36 -38.37
CA GLU A 126 -4.91 8.12 -39.37
C GLU A 126 -6.26 8.50 -38.76
N ASN A 127 -6.85 7.61 -37.96
CA ASN A 127 -8.21 7.78 -37.39
C ASN A 127 -8.19 8.74 -36.17
N VAL A 128 -7.19 8.66 -35.28
CA VAL A 128 -7.28 9.26 -33.91
C VAL A 128 -6.21 10.34 -33.65
N LEU A 129 -5.10 10.39 -34.39
CA LEU A 129 -3.92 11.21 -33.96
C LEU A 129 -4.27 12.70 -33.90
N THR A 130 -4.90 13.24 -34.95
CA THR A 130 -5.30 14.69 -35.01
C THR A 130 -6.16 15.02 -33.78
N ASP A 131 -7.15 14.17 -33.49
CA ASP A 131 -8.08 14.35 -32.34
C ASP A 131 -7.34 14.27 -31.00
N ILE A 132 -6.31 13.41 -30.89
CA ILE A 132 -5.46 13.34 -29.65
C ILE A 132 -4.73 14.68 -29.47
N LYS A 133 -4.09 15.18 -30.54
CA LYS A 133 -3.28 16.44 -30.52
C LYS A 133 -4.16 17.63 -30.13
N LEU A 134 -5.44 17.62 -30.54
CA LEU A 134 -6.41 18.72 -30.26
C LEU A 134 -7.06 18.57 -28.87
N GLY A 135 -6.71 17.53 -28.10
CA GLY A 135 -7.13 17.35 -26.70
C GLY A 135 -8.51 16.74 -26.55
N LYS A 136 -8.98 15.97 -27.54
CA LYS A 136 -10.36 15.41 -27.53
C LYS A 136 -10.42 14.12 -26.71
N TYR A 137 -9.29 13.49 -26.40
CA TYR A 137 -9.24 12.20 -25.65
C TYR A 137 -8.70 12.42 -24.23
N ARG A 138 -9.36 11.83 -23.24
CA ARG A 138 -8.94 11.83 -21.81
C ARG A 138 -7.84 10.78 -21.60
N ILE A 139 -7.99 9.58 -22.19
CA ILE A 139 -7.08 8.44 -21.92
C ILE A 139 -6.66 7.83 -23.27
N VAL A 140 -5.35 7.74 -23.49
CA VAL A 140 -4.75 7.16 -24.73
C VAL A 140 -3.90 5.96 -24.31
N TYR A 141 -4.22 4.80 -24.86
CA TYR A 141 -3.50 3.51 -24.69
C TYR A 141 -2.51 3.36 -25.85
N VAL A 142 -1.24 3.09 -25.56
CA VAL A 142 -0.17 2.88 -26.58
C VAL A 142 0.68 1.68 -26.16
N THR A 143 1.26 1.01 -27.15
CA THR A 143 2.29 -0.04 -26.92
C THR A 143 3.61 0.66 -26.58
N PRO A 144 4.54 -0.01 -25.87
CA PRO A 144 5.86 0.55 -25.65
C PRO A 144 6.62 0.80 -26.96
N GLU A 145 6.48 -0.08 -27.96
CA GLU A 145 7.13 0.07 -29.29
C GLU A 145 6.69 1.42 -29.92
N TYR A 146 5.38 1.71 -29.93
CA TYR A 146 4.85 2.96 -30.53
C TYR A 146 5.36 4.17 -29.74
N CYS A 147 5.25 4.11 -28.41
CA CYS A 147 5.63 5.20 -27.49
C CYS A 147 7.11 5.57 -27.69
N SER A 148 7.97 4.57 -27.83
CA SER A 148 9.44 4.69 -27.94
C SER A 148 9.86 5.53 -29.16
N GLY A 149 9.08 5.48 -30.25
CA GLY A 149 9.35 6.24 -31.50
C GLY A 149 8.58 7.56 -31.58
N ASN A 150 7.92 7.99 -30.50
CA ASN A 150 6.98 9.14 -30.52
C ASN A 150 7.14 10.02 -29.27
N MET A 151 8.36 10.14 -28.75
CA MET A 151 8.63 11.03 -27.59
C MET A 151 8.33 12.49 -27.97
N GLY A 152 8.55 12.86 -29.23
CA GLY A 152 8.15 14.17 -29.80
C GLY A 152 6.67 14.45 -29.64
N LEU A 153 5.81 13.46 -29.97
CA LEU A 153 4.33 13.58 -29.78
C LEU A 153 4.02 13.86 -28.31
N LEU A 154 4.57 13.06 -27.40
CA LEU A 154 4.30 13.21 -25.95
C LEU A 154 4.70 14.62 -25.48
N GLN A 155 5.83 15.15 -25.96
CA GLN A 155 6.30 16.52 -25.59
C GLN A 155 5.27 17.57 -26.06
N GLN A 156 4.69 17.38 -27.24
CA GLN A 156 3.64 18.28 -27.80
C GLN A 156 2.38 18.20 -26.93
N LEU A 157 1.98 16.99 -26.53
CA LEU A 157 0.77 16.79 -25.69
C LEU A 157 0.97 17.45 -24.33
N GLU A 158 2.17 17.32 -23.75
CA GLU A 158 2.53 17.97 -22.45
C GLU A 158 2.41 19.50 -22.61
N ALA A 159 2.90 20.07 -23.70
CA ALA A 159 2.93 21.53 -23.95
C ALA A 159 1.51 22.07 -24.21
N ASP A 160 0.69 21.37 -25.00
CA ASP A 160 -0.61 21.89 -25.52
C ASP A 160 -1.76 21.54 -24.56
N ILE A 161 -1.71 20.39 -23.89
CA ILE A 161 -2.81 19.86 -23.04
C ILE A 161 -2.34 19.76 -21.58
N GLY A 162 -1.21 19.07 -21.35
CA GLY A 162 -0.70 18.72 -20.02
C GLY A 162 -1.05 17.29 -19.68
N ILE A 163 -0.03 16.42 -19.55
CA ILE A 163 -0.23 14.97 -19.27
C ILE A 163 -0.34 14.82 -17.74
N THR A 164 -1.50 14.33 -17.27
CA THR A 164 -1.76 14.13 -15.82
C THR A 164 -0.82 13.04 -15.29
N LEU A 165 -0.68 11.94 -16.04
CA LEU A 165 0.22 10.83 -15.66
C LEU A 165 0.53 9.98 -16.89
N ILE A 166 1.59 9.21 -16.78
CA ILE A 166 1.90 8.07 -17.67
C ILE A 166 1.82 6.81 -16.81
N ALA A 167 0.94 5.87 -17.17
CA ALA A 167 0.88 4.53 -16.55
C ALA A 167 1.72 3.58 -17.39
N VAL A 168 2.62 2.84 -16.74
CA VAL A 168 3.39 1.74 -17.40
C VAL A 168 2.89 0.44 -16.78
N ASP A 169 2.03 -0.30 -17.49
CA ASP A 169 1.53 -1.61 -17.01
C ASP A 169 2.60 -2.67 -17.33
N GLU A 170 2.55 -3.81 -16.63
CA GLU A 170 3.54 -4.91 -16.80
C GLU A 170 4.95 -4.34 -16.65
N ALA A 171 5.14 -3.42 -15.69
CA ALA A 171 6.38 -2.64 -15.54
C ALA A 171 7.58 -3.56 -15.21
N HIS A 172 7.33 -4.74 -14.64
CA HIS A 172 8.37 -5.81 -14.40
C HIS A 172 9.05 -6.25 -15.70
N CYS A 173 8.40 -6.05 -16.86
CA CYS A 173 8.95 -6.41 -18.20
C CYS A 173 10.21 -5.58 -18.52
N ILE A 174 10.46 -4.48 -17.81
CA ILE A 174 11.69 -3.64 -18.03
C ILE A 174 12.92 -4.32 -17.42
N SER A 175 12.74 -5.24 -16.47
CA SER A 175 13.86 -5.91 -15.76
C SER A 175 14.33 -7.15 -16.53
N GLU A 176 15.60 -7.20 -16.94
CA GLU A 176 16.21 -8.41 -17.56
C GLU A 176 16.35 -9.52 -16.52
N TRP A 177 16.20 -9.20 -15.22
CA TRP A 177 16.37 -10.16 -14.09
C TRP A 177 15.04 -10.88 -13.80
N GLY A 178 13.92 -10.33 -14.27
CA GLY A 178 12.59 -10.96 -14.16
C GLY A 178 12.42 -12.12 -15.11
N HIS A 179 11.23 -12.71 -15.11
CA HIS A 179 10.84 -13.91 -15.89
C HIS A 179 10.01 -13.51 -17.13
N ASP A 180 9.93 -12.22 -17.47
CA ASP A 180 9.05 -11.75 -18.57
C ASP A 180 9.63 -10.49 -19.23
N PHE A 181 10.93 -10.51 -19.56
CA PHE A 181 11.64 -9.33 -20.11
C PHE A 181 11.10 -9.02 -21.51
N ARG A 182 10.86 -7.73 -21.78
CA ARG A 182 10.46 -7.20 -23.11
C ARG A 182 11.45 -6.11 -23.53
N ASP A 183 12.19 -6.34 -24.62
CA ASP A 183 13.12 -5.37 -25.27
C ASP A 183 12.40 -4.03 -25.47
N SER A 184 11.12 -4.06 -25.83
CA SER A 184 10.24 -2.89 -26.08
C SER A 184 10.24 -1.91 -24.89
N PHE A 185 10.42 -2.39 -23.66
CA PHE A 185 10.34 -1.54 -22.43
C PHE A 185 11.64 -0.75 -22.19
N ARG A 186 12.75 -1.16 -22.78
CA ARG A 186 14.11 -0.59 -22.52
C ARG A 186 14.09 0.94 -22.67
N LYS A 187 13.50 1.46 -23.76
CA LYS A 187 13.53 2.91 -24.10
C LYS A 187 12.53 3.72 -23.27
N LEU A 188 11.69 3.09 -22.44
CA LEU A 188 10.78 3.84 -21.50
C LEU A 188 11.60 4.57 -20.43
N GLY A 189 12.89 4.22 -20.26
CA GLY A 189 13.87 5.01 -19.50
C GLY A 189 13.94 6.46 -19.94
N SER A 190 13.61 6.75 -21.21
CA SER A 190 13.68 8.11 -21.82
C SER A 190 12.50 8.99 -21.41
N LEU A 191 11.40 8.42 -20.91
CA LEU A 191 10.16 9.19 -20.55
C LEU A 191 10.52 10.35 -19.60
N LYS A 192 11.29 10.08 -18.55
CA LYS A 192 11.63 11.09 -17.50
C LYS A 192 12.55 12.17 -18.07
N THR A 193 13.39 11.84 -19.06
CA THR A 193 14.26 12.82 -19.77
C THR A 193 13.39 13.76 -20.62
N ALA A 194 12.50 13.20 -21.43
CA ALA A 194 11.61 13.94 -22.35
C ALA A 194 10.54 14.70 -21.56
N LEU A 195 10.06 14.14 -20.44
CA LEU A 195 8.91 14.64 -19.66
C LEU A 195 9.25 14.62 -18.17
N PRO A 196 10.19 15.47 -17.69
CA PRO A 196 10.64 15.41 -16.30
C PRO A 196 9.56 15.71 -15.25
N MET A 197 8.53 16.49 -15.60
CA MET A 197 7.47 16.95 -14.66
C MET A 197 6.25 16.02 -14.66
N VAL A 198 6.21 15.01 -15.54
CA VAL A 198 5.02 14.10 -15.66
C VAL A 198 5.23 12.91 -14.75
N PRO A 199 4.32 12.64 -13.78
CA PRO A 199 4.48 11.48 -12.91
C PRO A 199 4.23 10.18 -13.68
N ILE A 200 5.01 9.15 -13.36
CA ILE A 200 4.85 7.77 -13.89
C ILE A 200 4.25 6.91 -12.78
N VAL A 201 3.18 6.19 -13.11
CA VAL A 201 2.60 5.12 -12.25
C VAL A 201 3.00 3.79 -12.89
N ALA A 202 4.01 3.12 -12.33
CA ALA A 202 4.48 1.79 -12.77
C ALA A 202 3.63 0.74 -12.06
N LEU A 203 2.97 -0.14 -12.82
CA LEU A 203 2.07 -1.19 -12.29
C LEU A 203 2.65 -2.57 -12.61
N THR A 204 2.60 -3.48 -11.63
CA THR A 204 3.03 -4.90 -11.79
C THR A 204 2.32 -5.76 -10.75
N ALA A 205 2.23 -7.06 -11.00
CA ALA A 205 1.66 -8.07 -10.07
C ALA A 205 2.75 -8.66 -9.16
N THR A 206 4.04 -8.41 -9.42
CA THR A 206 5.15 -9.03 -8.63
C THR A 206 5.49 -8.15 -7.42
N ALA A 207 5.46 -8.74 -6.22
CA ALA A 207 5.81 -8.09 -4.93
C ALA A 207 7.31 -8.24 -4.62
N SER A 208 8.10 -8.75 -5.57
CA SER A 208 9.57 -8.88 -5.46
C SER A 208 10.21 -7.50 -5.24
N SER A 209 10.93 -7.32 -4.12
CA SER A 209 11.69 -6.08 -3.81
C SER A 209 12.79 -5.87 -4.86
N SER A 210 13.43 -6.96 -5.31
CA SER A 210 14.47 -6.96 -6.38
C SER A 210 13.91 -6.33 -7.67
N ILE A 211 12.74 -6.79 -8.11
CA ILE A 211 12.10 -6.32 -9.37
C ILE A 211 11.63 -4.86 -9.19
N ARG A 212 11.11 -4.49 -8.02
CA ARG A 212 10.73 -3.09 -7.70
C ARG A 212 11.95 -2.17 -7.90
N GLU A 213 13.11 -2.55 -7.35
CA GLU A 213 14.36 -1.75 -7.46
C GLU A 213 14.73 -1.58 -8.95
N ASP A 214 14.59 -2.65 -9.75
CA ASP A 214 14.89 -2.63 -11.21
C ASP A 214 13.94 -1.64 -11.90
N ILE A 215 12.65 -1.68 -11.58
CA ILE A 215 11.61 -0.79 -12.19
C ILE A 215 11.99 0.67 -11.88
N VAL A 216 12.27 0.97 -10.61
CA VAL A 216 12.61 2.36 -10.16
C VAL A 216 13.86 2.84 -10.92
N ARG A 217 14.90 2.00 -11.00
CA ARG A 217 16.18 2.34 -11.69
C ARG A 217 15.91 2.57 -13.18
N CYS A 218 15.28 1.59 -13.84
CA CYS A 218 15.13 1.56 -15.33
C CYS A 218 14.19 2.68 -15.82
N LEU A 219 13.16 3.06 -15.03
CA LEU A 219 12.21 4.15 -15.42
C LEU A 219 12.66 5.51 -14.86
N ASN A 220 13.77 5.58 -14.12
CA ASN A 220 14.32 6.85 -13.57
C ASN A 220 13.27 7.53 -12.68
N LEU A 221 12.56 6.75 -11.86
CA LEU A 221 11.55 7.28 -10.92
C LEU A 221 12.27 7.99 -9.76
N ARG A 222 11.72 9.12 -9.32
CA ARG A 222 12.27 9.96 -8.22
C ARG A 222 11.39 9.76 -6.99
N ASN A 223 11.98 9.23 -5.90
CA ASN A 223 11.32 9.01 -4.58
C ASN A 223 9.90 8.47 -4.78
N PRO A 224 9.71 7.36 -5.54
CA PRO A 224 8.36 6.89 -5.84
C PRO A 224 7.63 6.38 -4.59
N GLN A 225 6.32 6.66 -4.52
CA GLN A 225 5.42 6.04 -3.52
C GLN A 225 5.23 4.57 -3.89
N ILE A 226 5.51 3.68 -2.93
CA ILE A 226 5.46 2.21 -3.11
C ILE A 226 4.21 1.71 -2.40
N THR A 227 3.31 1.04 -3.13
CA THR A 227 2.11 0.38 -2.58
C THR A 227 2.06 -1.05 -3.09
N CYS A 228 1.36 -1.91 -2.35
CA CYS A 228 1.29 -3.36 -2.63
C CYS A 228 -0.05 -3.89 -2.14
N THR A 229 -0.96 -4.22 -3.05
CA THR A 229 -2.36 -4.60 -2.71
C THR A 229 -2.84 -5.74 -3.62
N GLY A 230 -3.98 -6.34 -3.26
CA GLY A 230 -4.63 -7.44 -4.00
C GLY A 230 -4.22 -8.81 -3.47
N PHE A 231 -3.35 -8.87 -2.46
CA PHE A 231 -2.84 -10.13 -1.85
C PHE A 231 -3.62 -10.44 -0.57
N ASP A 232 -3.85 -11.72 -0.31
CA ASP A 232 -4.66 -12.28 0.80
C ASP A 232 -3.78 -12.58 2.03
N ARG A 233 -2.51 -12.92 1.83
CA ARG A 233 -1.49 -13.23 2.87
C ARG A 233 -2.03 -14.30 3.83
N PRO A 234 -2.35 -15.53 3.36
CA PRO A 234 -2.92 -16.57 4.22
C PRO A 234 -1.97 -17.06 5.32
N ASN A 235 -0.67 -16.79 5.17
CA ASN A 235 0.41 -17.22 6.10
C ASN A 235 0.58 -16.25 7.28
N LEU A 236 -0.24 -15.18 7.39
CA LEU A 236 -0.16 -14.24 8.53
C LEU A 236 -1.29 -14.54 9.51
N TYR A 237 -0.94 -14.98 10.72
CA TYR A 237 -1.88 -15.21 11.84
C TYR A 237 -1.99 -13.89 12.63
N LEU A 238 -3.21 -13.43 12.91
CA LEU A 238 -3.48 -12.13 13.59
C LEU A 238 -4.03 -12.40 14.98
N GLU A 239 -3.47 -11.74 16.00
CA GLU A 239 -3.99 -11.85 17.38
C GLU A 239 -3.88 -10.50 18.08
N VAL A 240 -4.87 -10.20 18.91
CA VAL A 240 -4.89 -9.01 19.81
C VAL A 240 -5.09 -9.54 21.23
N ARG A 241 -4.23 -9.12 22.14
CA ARG A 241 -4.14 -9.61 23.54
C ARG A 241 -3.94 -8.42 24.46
N ARG A 242 -4.47 -8.49 25.68
CA ARG A 242 -4.31 -7.42 26.70
C ARG A 242 -2.88 -7.49 27.26
N LYS A 243 -2.27 -6.32 27.49
CA LYS A 243 -1.05 -6.16 28.34
C LYS A 243 -1.37 -6.63 29.77
N THR A 244 -0.36 -7.14 30.48
CA THR A 244 -0.47 -7.73 31.84
C THR A 244 0.12 -6.82 32.92
N GLY A 245 0.71 -5.67 32.55
CA GLY A 245 1.26 -4.67 33.50
C GLY A 245 2.75 -4.84 33.76
N ASN A 246 3.43 -5.72 33.02
CA ASN A 246 4.85 -6.12 33.21
C ASN A 246 5.42 -6.58 31.86
N ILE A 247 6.57 -6.05 31.43
CA ILE A 247 7.16 -6.32 30.07
C ILE A 247 7.52 -7.80 29.97
N LEU A 248 8.26 -8.35 30.94
CA LEU A 248 8.73 -9.77 30.87
C LEU A 248 7.51 -10.70 30.90
N GLN A 249 6.49 -10.39 31.71
CA GLN A 249 5.22 -11.17 31.78
C GLN A 249 4.56 -11.18 30.39
N ASP A 250 4.55 -10.03 29.71
CA ASP A 250 3.90 -9.86 28.38
C ASP A 250 4.65 -10.66 27.31
N LEU A 251 5.98 -10.71 27.34
CA LEU A 251 6.80 -11.25 26.22
C LEU A 251 7.24 -12.69 26.47
N GLN A 252 7.24 -13.16 27.73
CA GLN A 252 7.62 -14.55 28.10
C GLN A 252 6.92 -15.57 27.21
N PRO A 253 5.59 -15.47 26.93
CA PRO A 253 4.92 -16.45 26.07
C PRO A 253 5.55 -16.64 24.69
N PHE A 254 6.26 -15.64 24.17
CA PHE A 254 6.92 -15.65 22.83
C PHE A 254 8.32 -16.28 22.89
N LEU A 255 8.86 -16.53 24.09
CA LEU A 255 10.28 -16.88 24.29
C LEU A 255 10.45 -18.37 24.56
N VAL A 256 11.60 -18.93 24.15
CA VAL A 256 12.03 -20.31 24.50
CA VAL A 256 12.03 -20.31 24.50
C VAL A 256 13.45 -20.22 25.08
N LYS A 257 13.73 -21.01 26.12
CA LYS A 257 15.06 -21.07 26.78
C LYS A 257 15.94 -22.05 25.99
N THR A 258 17.13 -21.61 25.59
CA THR A 258 18.16 -22.43 24.90
C THR A 258 19.54 -22.10 25.47
N SER A 259 20.12 -23.00 26.27
CA SER A 259 21.53 -22.96 26.76
C SER A 259 21.78 -21.68 27.59
N SER A 260 20.91 -21.41 28.58
CA SER A 260 21.00 -20.27 29.53
C SER A 260 20.83 -18.90 28.85
N HIS A 261 20.22 -18.86 27.65
CA HIS A 261 19.73 -17.61 27.00
C HIS A 261 18.34 -17.90 26.40
N TRP A 262 17.49 -16.87 26.32
CA TRP A 262 16.12 -16.98 25.76
C TRP A 262 16.14 -16.41 24.34
N GLU A 263 15.23 -16.88 23.48
CA GLU A 263 15.11 -16.39 22.08
C GLU A 263 13.65 -16.53 21.60
N PHE A 264 13.31 -15.77 20.56
CA PHE A 264 12.04 -15.92 19.79
C PHE A 264 12.19 -17.12 18.84
N GLU A 265 11.07 -17.58 18.26
CA GLU A 265 11.05 -18.67 17.24
C GLU A 265 11.92 -18.29 16.03
N GLY A 266 11.88 -17.03 15.62
CA GLY A 266 12.57 -16.55 14.41
C GLY A 266 12.79 -15.04 14.45
N PRO A 267 13.28 -14.45 13.33
CA PRO A 267 13.42 -12.99 13.22
C PRO A 267 12.11 -12.28 13.60
N THR A 268 12.22 -11.33 14.53
CA THR A 268 11.08 -10.66 15.21
C THR A 268 11.28 -9.13 15.18
N ILE A 269 10.24 -8.37 14.87
CA ILE A 269 10.19 -6.89 15.08
C ILE A 269 9.17 -6.61 16.19
N ILE A 270 9.58 -5.86 17.22
CA ILE A 270 8.68 -5.31 18.27
C ILE A 270 8.55 -3.80 18.02
N TYR A 271 7.38 -3.36 17.56
CA TYR A 271 7.03 -1.93 17.37
C TYR A 271 6.46 -1.34 18.66
N CYS A 272 7.10 -0.28 19.18
CA CYS A 272 6.68 0.50 20.37
C CYS A 272 6.32 1.93 19.95
N PRO A 273 5.30 2.58 20.56
CA PRO A 273 4.99 3.98 20.27
C PRO A 273 6.11 5.01 20.58
N SER A 274 6.80 4.84 21.71
CA SER A 274 7.79 5.80 22.27
C SER A 274 9.21 5.24 22.18
N ARG A 275 10.21 6.13 22.04
CA ARG A 275 11.66 5.79 22.14
C ARG A 275 11.93 5.15 23.51
N LYS A 276 11.37 5.75 24.57
CA LYS A 276 11.50 5.30 25.99
C LYS A 276 11.14 3.81 26.09
N MET A 277 10.02 3.41 25.48
CA MET A 277 9.52 2.01 25.55
C MET A 277 10.46 1.07 24.78
N THR A 278 11.03 1.51 23.64
CA THR A 278 12.00 0.66 22.88
C THR A 278 13.20 0.32 23.78
N GLN A 279 13.69 1.30 24.55
CA GLN A 279 14.82 1.15 25.50
C GLN A 279 14.40 0.24 26.66
N GLN A 280 13.20 0.45 27.23
CA GLN A 280 12.64 -0.36 28.34
C GLN A 280 12.55 -1.83 27.91
N VAL A 281 11.96 -2.10 26.74
CA VAL A 281 11.75 -3.49 26.21
C VAL A 281 13.12 -4.12 25.91
N THR A 282 14.02 -3.41 25.20
CA THR A 282 15.39 -3.90 24.88
C THR A 282 16.11 -4.31 26.18
N GLY A 283 16.02 -3.47 27.22
CA GLY A 283 16.64 -3.71 28.54
C GLY A 283 16.22 -5.03 29.14
N GLU A 284 14.91 -5.34 29.10
CA GLU A 284 14.34 -6.58 29.68
C GLU A 284 14.80 -7.80 28.88
N LEU A 285 14.86 -7.70 27.55
CA LEU A 285 15.32 -8.82 26.67
C LEU A 285 16.83 -9.04 26.83
N ARG A 286 17.60 -7.96 27.01
CA ARG A 286 19.08 -8.01 27.22
C ARG A 286 19.40 -8.84 28.48
N LYS A 287 18.60 -8.71 29.55
CA LYS A 287 18.72 -9.48 30.82
C LYS A 287 18.63 -11.00 30.56
N LEU A 288 17.92 -11.41 29.50
CA LEU A 288 17.77 -12.82 29.08
C LEU A 288 18.85 -13.22 28.05
N ASN A 289 19.83 -12.32 27.78
CA ASN A 289 20.92 -12.51 26.79
C ASN A 289 20.32 -12.78 25.40
N LEU A 290 19.17 -12.16 25.10
CA LEU A 290 18.48 -12.31 23.79
C LEU A 290 19.21 -11.44 22.78
N SER A 291 19.44 -11.98 21.58
CA SER A 291 20.15 -11.31 20.46
C SER A 291 19.25 -10.24 19.84
N CYS A 292 19.38 -8.98 20.27
CA CYS A 292 18.46 -7.88 19.87
C CYS A 292 19.16 -6.52 19.79
N GLY A 293 18.48 -5.56 19.17
CA GLY A 293 18.93 -4.16 18.99
C GLY A 293 17.77 -3.19 18.98
N THR A 294 18.02 -1.94 19.37
CA THR A 294 17.03 -0.83 19.42
C THR A 294 17.15 -0.01 18.13
N TYR A 295 16.03 0.47 17.58
CA TYR A 295 15.99 1.34 16.37
C TYR A 295 14.97 2.46 16.58
N HIS A 296 15.45 3.71 16.68
CA HIS A 296 14.61 4.93 16.66
C HIS A 296 15.42 6.09 16.08
N ALA A 297 14.74 7.19 15.73
CA ALA A 297 15.31 8.36 15.02
C ALA A 297 16.30 9.12 15.91
N GLY A 298 16.12 9.06 17.23
CA GLY A 298 17.04 9.62 18.25
C GLY A 298 18.45 9.04 18.18
N MET A 299 18.63 7.86 17.58
CA MET A 299 19.94 7.20 17.37
C MET A 299 20.67 7.85 16.18
N SER A 300 21.98 7.63 16.09
CA SER A 300 22.88 8.12 15.01
C SER A 300 22.63 7.32 13.72
N PHE A 301 23.07 7.86 12.58
CA PHE A 301 22.88 7.30 11.22
C PHE A 301 23.63 5.96 11.09
N SER A 302 24.90 5.93 11.53
CA SER A 302 25.80 4.74 11.53
C SER A 302 25.18 3.61 12.36
N THR A 303 24.74 3.91 13.59
CA THR A 303 24.15 2.93 14.55
C THR A 303 22.89 2.31 13.94
N ARG A 304 21.99 3.15 13.39
CA ARG A 304 20.76 2.69 12.66
C ARG A 304 21.16 1.79 11.48
N LYS A 305 22.11 2.23 10.65
CA LYS A 305 22.63 1.46 9.49
C LYS A 305 23.19 0.11 9.95
N ASP A 306 23.89 0.07 11.10
CA ASP A 306 24.53 -1.15 11.66
C ASP A 306 23.45 -2.17 12.05
N ILE A 307 22.41 -1.73 12.76
CA ILE A 307 21.27 -2.58 13.22
C ILE A 307 20.58 -3.18 11.98
N HIS A 308 20.36 -2.37 10.94
CA HIS A 308 19.77 -2.83 9.65
CA HIS A 308 19.79 -2.81 9.63
C HIS A 308 20.58 -4.01 9.10
N HIS A 309 21.88 -3.81 8.86
CA HIS A 309 22.80 -4.84 8.28
C HIS A 309 22.83 -6.09 9.18
N ARG A 310 22.97 -5.91 10.49
CA ARG A 310 23.04 -7.01 11.50
C ARG A 310 21.74 -7.84 11.48
N PHE A 311 20.58 -7.19 11.38
CA PHE A 311 19.25 -7.86 11.28
C PHE A 311 19.18 -8.65 9.97
N VAL A 312 19.58 -8.04 8.85
CA VAL A 312 19.58 -8.67 7.49
C VAL A 312 20.54 -9.87 7.49
N ARG A 313 21.66 -9.80 8.21
CA ARG A 313 22.69 -10.88 8.27
C ARG A 313 22.36 -11.89 9.38
N ASP A 314 21.26 -11.71 10.11
CA ASP A 314 20.78 -12.60 11.22
C ASP A 314 21.82 -12.63 12.35
N GLU A 315 22.51 -11.52 12.59
CA GLU A 315 23.47 -11.33 13.72
C GLU A 315 22.71 -10.83 14.94
N ILE A 316 21.53 -10.22 14.73
CA ILE A 316 20.50 -9.99 15.79
C ILE A 316 19.18 -10.63 15.34
N GLN A 317 18.45 -11.24 16.29
CA GLN A 317 17.17 -11.96 16.02
C GLN A 317 16.00 -10.98 16.08
N CYS A 318 16.08 -9.96 16.95
CA CYS A 318 14.94 -9.07 17.28
C CYS A 318 15.35 -7.60 17.16
N VAL A 319 14.59 -6.80 16.41
CA VAL A 319 14.71 -5.32 16.41
C VAL A 319 13.53 -4.77 17.20
N ILE A 320 13.80 -4.03 18.27
CA ILE A 320 12.79 -3.30 19.09
C ILE A 320 12.83 -1.86 18.60
N ALA A 321 11.77 -1.40 17.95
CA ALA A 321 11.82 -0.19 17.12
C ALA A 321 10.58 0.67 17.32
N THR A 322 10.70 1.94 16.97
CA THR A 322 9.55 2.79 16.61
C THR A 322 9.19 2.47 15.15
N ILE A 323 8.08 3.01 14.68
CA ILE A 323 7.58 2.75 13.29
C ILE A 323 8.43 3.54 12.27
N ALA A 324 9.52 4.19 12.71
CA ALA A 324 10.63 4.69 11.86
C ALA A 324 11.35 3.52 11.16
N PHE A 325 11.39 2.34 11.78
CA PHE A 325 12.05 1.11 11.24
C PHE A 325 11.08 0.37 10.31
N GLY A 326 11.52 0.00 9.10
CA GLY A 326 10.82 -0.99 8.27
C GLY A 326 10.91 -0.71 6.78
N MET A 327 10.79 0.55 6.36
CA MET A 327 10.77 0.96 4.92
C MET A 327 12.02 0.45 4.19
N GLY A 328 13.18 0.43 4.84
CA GLY A 328 14.45 0.03 4.21
C GLY A 328 14.73 -1.47 4.29
N ILE A 329 13.89 -2.28 4.96
CA ILE A 329 14.13 -3.74 5.15
C ILE A 329 13.30 -4.51 4.11
N ASN A 330 13.97 -5.38 3.35
CA ASN A 330 13.37 -6.27 2.32
C ASN A 330 13.41 -7.72 2.82
N LYS A 331 13.71 -7.91 4.12
CA LYS A 331 13.93 -9.22 4.77
C LYS A 331 12.66 -10.07 4.63
N ALA A 332 12.81 -11.30 4.13
CA ALA A 332 11.69 -12.18 3.70
C ALA A 332 11.23 -13.10 4.84
N ASP A 333 12.06 -13.34 5.87
CA ASP A 333 11.82 -14.39 6.90
C ASP A 333 11.49 -13.75 8.26
N ILE A 334 10.67 -12.70 8.29
CA ILE A 334 10.17 -12.12 9.57
C ILE A 334 9.04 -13.04 10.08
N ARG A 335 9.32 -13.80 11.14
CA ARG A 335 8.40 -14.83 11.68
C ARG A 335 7.38 -14.20 12.63
N GLN A 336 7.70 -13.05 13.24
CA GLN A 336 6.83 -12.44 14.29
C GLN A 336 6.93 -10.90 14.21
N VAL A 337 5.78 -10.23 14.14
CA VAL A 337 5.66 -8.78 14.47
C VAL A 337 4.83 -8.68 15.75
N ILE A 338 5.34 -7.96 16.73
CA ILE A 338 4.61 -7.61 17.98
C ILE A 338 4.47 -6.09 17.99
N HIS A 339 3.23 -5.61 18.05
CA HIS A 339 2.90 -4.22 18.42
C HIS A 339 2.80 -4.17 19.94
N TYR A 340 3.85 -3.65 20.59
CA TYR A 340 3.88 -3.49 22.06
C TYR A 340 3.29 -2.12 22.38
N GLY A 341 1.97 -2.12 22.60
CA GLY A 341 1.12 -0.92 22.65
C GLY A 341 0.30 -0.80 21.38
N ALA A 342 -0.95 -0.37 21.51
CA ALA A 342 -1.87 -0.10 20.38
C ALA A 342 -1.10 0.62 19.27
N PRO A 343 -1.26 0.21 17.99
CA PRO A 343 -0.62 0.91 16.87
C PRO A 343 -1.21 2.32 16.69
N LYS A 344 -0.49 3.17 15.93
CA LYS A 344 -0.87 4.60 15.71
C LYS A 344 -2.25 4.68 15.04
N ASP A 345 -2.48 3.84 14.03
CA ASP A 345 -3.79 3.72 13.33
C ASP A 345 -3.78 2.47 12.45
N MET A 346 -4.87 2.17 11.80
CA MET A 346 -5.01 0.92 11.00
C MET A 346 -4.10 0.99 9.76
N GLU A 347 -3.90 2.17 9.17
CA GLU A 347 -3.00 2.35 7.98
C GLU A 347 -1.57 1.96 8.34
N SER A 348 -1.04 2.51 9.44
CA SER A 348 0.34 2.21 9.91
CA SER A 348 0.33 2.22 9.93
C SER A 348 0.43 0.72 10.28
N TYR A 349 -0.57 0.21 10.99
CA TYR A 349 -0.66 -1.22 11.39
C TYR A 349 -0.55 -2.11 10.14
N TYR A 350 -1.30 -1.78 9.09
CA TYR A 350 -1.30 -2.54 7.80
C TYR A 350 0.10 -2.55 7.19
N GLN A 351 0.76 -1.40 7.13
CA GLN A 351 2.14 -1.27 6.57
C GLN A 351 3.09 -2.18 7.36
N GLU A 352 2.92 -2.24 8.68
CA GLU A 352 3.88 -2.89 9.62
C GLU A 352 3.70 -4.42 9.56
N ILE A 353 2.47 -4.93 9.63
CA ILE A 353 2.21 -6.40 9.58
C ILE A 353 2.52 -6.93 8.18
N GLY A 354 2.40 -6.09 7.14
CA GLY A 354 2.72 -6.47 5.73
C GLY A 354 4.17 -6.87 5.55
N ARG A 355 5.06 -6.45 6.45
CA ARG A 355 6.51 -6.78 6.40
C ARG A 355 6.76 -8.21 6.91
N ALA A 356 5.80 -8.83 7.57
CA ALA A 356 5.92 -10.21 8.10
C ALA A 356 5.76 -11.22 6.96
N GLY A 357 6.49 -12.34 7.04
CA GLY A 357 6.27 -13.56 6.25
C GLY A 357 6.23 -13.32 4.75
N ARG A 358 7.14 -12.49 4.21
CA ARG A 358 7.15 -12.19 2.75
CA ARG A 358 7.20 -12.17 2.76
C ARG A 358 7.71 -13.38 1.98
N ASP A 359 8.34 -14.34 2.67
CA ASP A 359 8.79 -15.65 2.10
C ASP A 359 7.60 -16.60 1.93
N GLY A 360 6.42 -16.26 2.43
CA GLY A 360 5.19 -17.06 2.28
C GLY A 360 5.04 -18.14 3.34
N LEU A 361 5.98 -18.25 4.29
CA LEU A 361 5.93 -19.24 5.40
C LEU A 361 5.15 -18.66 6.58
N GLN A 362 4.73 -19.53 7.51
CA GLN A 362 3.84 -19.15 8.63
C GLN A 362 4.51 -18.06 9.47
N SER A 363 3.82 -16.93 9.63
CA SER A 363 4.22 -15.84 10.57
C SER A 363 3.03 -15.48 11.47
N SER A 364 3.33 -14.79 12.56
CA SER A 364 2.32 -14.30 13.52
C SER A 364 2.50 -12.80 13.72
N CYS A 365 1.38 -12.10 13.83
CA CYS A 365 1.32 -10.65 14.14
C CYS A 365 0.44 -10.49 15.37
N HIS A 366 1.05 -10.10 16.51
CA HIS A 366 0.36 -9.89 17.81
C HIS A 366 0.34 -8.41 18.17
N VAL A 367 -0.82 -7.90 18.55
CA VAL A 367 -0.95 -6.58 19.24
C VAL A 367 -1.13 -6.87 20.73
N LEU A 368 -0.26 -6.29 21.55
CA LEU A 368 -0.39 -6.26 23.04
C LEU A 368 -0.80 -4.84 23.40
N TRP A 369 -2.02 -4.66 23.90
CA TRP A 369 -2.63 -3.32 24.11
C TRP A 369 -3.22 -3.22 25.52
N ALA A 370 -3.37 -1.99 25.98
CA ALA A 370 -4.17 -1.62 27.17
C ALA A 370 -5.03 -0.41 26.79
N PRO A 371 -6.33 -0.36 27.17
CA PRO A 371 -7.15 0.84 26.97
C PRO A 371 -6.45 2.18 27.31
N ALA A 372 -5.45 2.16 28.20
CA ALA A 372 -4.62 3.31 28.63
C ALA A 372 -3.50 3.67 27.65
N ASP A 373 -3.32 2.94 26.55
CA ASP A 373 -2.20 3.15 25.59
C ASP A 373 -2.28 4.55 24.96
N ILE A 374 -1.11 5.14 24.67
CA ILE A 374 -0.97 6.54 24.15
C ILE A 374 -1.78 6.70 22.85
N ASN A 375 -1.83 5.68 21.99
CA ASN A 375 -2.54 5.75 20.68
C ASN A 375 -4.06 5.55 20.85
N LEU A 376 -4.56 5.33 22.08
CA LEU A 376 -6.01 5.34 22.38
C LEU A 376 -6.38 6.54 23.27
N ASN A 377 -5.44 7.48 23.49
CA ASN A 377 -5.62 8.68 24.34
C ASN A 377 -6.23 9.81 23.51
N ARG A 378 -7.51 10.12 23.75
CA ARG A 378 -8.26 11.19 23.03
C ARG A 378 -7.76 12.59 23.42
N HIS A 379 -7.21 12.75 24.64
CA HIS A 379 -6.80 14.07 25.21
C HIS A 379 -5.75 14.73 24.30
N LEU A 380 -4.82 13.95 23.76
CA LEU A 380 -3.75 14.43 22.84
C LEU A 380 -4.35 14.93 21.51
N LEU A 381 -5.51 14.39 21.11
CA LEU A 381 -6.21 14.76 19.82
C LEU A 381 -7.09 15.99 20.01
N THR A 382 -7.72 16.17 21.19
CA THR A 382 -8.56 17.35 21.51
C THR A 382 -7.71 18.64 21.44
N GLU A 383 -6.40 18.53 21.69
CA GLU A 383 -5.40 19.64 21.57
C GLU A 383 -5.24 20.11 20.11
N ILE A 384 -5.62 19.29 19.12
CA ILE A 384 -5.52 19.64 17.66
C ILE A 384 -6.58 20.71 17.36
N ARG A 385 -6.15 21.92 16.98
CA ARG A 385 -7.08 23.07 16.76
C ARG A 385 -7.67 23.03 15.34
N ASN A 386 -6.99 22.41 14.36
CA ASN A 386 -7.53 22.25 12.98
C ASN A 386 -8.71 21.26 13.02
N GLU A 387 -9.94 21.74 12.77
CA GLU A 387 -11.17 20.93 12.93
C GLU A 387 -11.11 19.67 12.05
N LYS A 388 -10.79 19.81 10.76
CA LYS A 388 -10.80 18.69 9.78
C LYS A 388 -9.80 17.62 10.23
N PHE A 389 -8.57 18.02 10.59
CA PHE A 389 -7.51 17.07 11.02
C PHE A 389 -7.89 16.41 12.35
N ARG A 390 -8.41 17.19 13.31
CA ARG A 390 -8.84 16.65 14.63
C ARG A 390 -9.88 15.54 14.41
N LEU A 391 -10.91 15.81 13.60
CA LEU A 391 -12.03 14.85 13.37
C LEU A 391 -11.47 13.59 12.68
N TYR A 392 -10.59 13.75 11.69
CA TYR A 392 -9.90 12.62 10.99
C TYR A 392 -9.13 11.77 12.01
N LYS A 393 -8.32 12.40 12.86
CA LYS A 393 -7.47 11.68 13.84
C LYS A 393 -8.35 10.93 14.84
N LEU A 394 -9.47 11.54 15.26
CA LEU A 394 -10.44 10.90 16.20
C LEU A 394 -11.10 9.69 15.51
N LYS A 395 -11.48 9.82 14.24
CA LYS A 395 -12.12 8.73 13.44
C LYS A 395 -11.13 7.57 13.27
N MET A 396 -9.86 7.85 12.99
CA MET A 396 -8.81 6.80 12.82
C MET A 396 -8.55 6.09 14.15
N MET A 397 -8.50 6.82 15.28
CA MET A 397 -8.34 6.24 16.64
C MET A 397 -9.53 5.30 16.96
N ALA A 398 -10.75 5.72 16.61
CA ALA A 398 -12.00 4.97 16.87
C ALA A 398 -12.02 3.66 16.05
N LYS A 399 -11.65 3.73 14.77
CA LYS A 399 -11.54 2.53 13.88
C LYS A 399 -10.52 1.54 14.46
N MET A 400 -9.38 2.03 14.94
CA MET A 400 -8.30 1.20 15.55
CA MET A 400 -8.32 1.17 15.52
C MET A 400 -8.85 0.54 16.82
N GLU A 401 -9.52 1.33 17.66
CA GLU A 401 -10.11 0.84 18.94
C GLU A 401 -11.15 -0.24 18.64
N LYS A 402 -11.99 -0.03 17.62
CA LYS A 402 -13.05 -0.99 17.18
C LYS A 402 -12.41 -2.31 16.73
N TYR A 403 -11.29 -2.26 16.01
CA TYR A 403 -10.53 -3.46 15.60
C TYR A 403 -10.03 -4.21 16.85
N LEU A 404 -9.35 -3.49 17.77
CA LEU A 404 -8.75 -4.10 18.99
C LEU A 404 -9.83 -4.79 19.82
N HIS A 405 -11.01 -4.17 19.94
CA HIS A 405 -12.14 -4.64 20.78
C HIS A 405 -12.94 -5.76 20.11
N SER A 406 -12.81 -5.96 18.79
CA SER A 406 -13.73 -6.82 18.01
C SER A 406 -13.61 -8.29 18.42
N SER A 407 -14.73 -9.01 18.35
CA SER A 407 -14.82 -10.49 18.44
C SER A 407 -14.99 -11.09 17.04
N ARG A 408 -15.05 -10.27 15.99
CA ARG A 408 -15.19 -10.71 14.57
C ARG A 408 -13.80 -11.07 14.02
N CYS A 409 -13.78 -11.75 12.87
CA CYS A 409 -12.53 -12.16 12.16
C CYS A 409 -11.65 -10.93 11.92
N ARG A 410 -10.41 -10.94 12.44
CA ARG A 410 -9.44 -9.81 12.31
C ARG A 410 -9.08 -9.64 10.82
N ARG A 411 -8.94 -10.76 10.11
CA ARG A 411 -8.58 -10.75 8.66
CA ARG A 411 -8.58 -10.75 8.66
C ARG A 411 -9.71 -10.07 7.87
N GLN A 412 -10.95 -10.43 8.15
CA GLN A 412 -12.15 -9.86 7.47
C GLN A 412 -12.18 -8.34 7.68
N ILE A 413 -11.92 -7.88 8.90
CA ILE A 413 -11.95 -6.42 9.24
C ILE A 413 -10.91 -5.70 8.38
N ILE A 414 -9.68 -6.22 8.36
CA ILE A 414 -8.53 -5.57 7.67
C ILE A 414 -8.79 -5.57 6.15
N LEU A 415 -9.15 -6.73 5.58
CA LEU A 415 -9.38 -6.84 4.11
C LEU A 415 -10.58 -5.97 3.69
N SER A 416 -11.64 -5.91 4.50
CA SER A 416 -12.83 -5.06 4.22
CA SER A 416 -12.83 -5.06 4.22
C SER A 416 -12.40 -3.59 4.08
N HIS A 417 -11.49 -3.14 4.96
CA HIS A 417 -11.04 -1.73 5.00
C HIS A 417 -10.14 -1.41 3.82
N PHE A 418 -9.15 -2.27 3.54
CA PHE A 418 -8.01 -1.93 2.66
C PHE A 418 -8.13 -2.53 1.25
N GLU A 419 -8.86 -3.64 1.08
CA GLU A 419 -8.78 -4.43 -0.17
C GLU A 419 -10.13 -4.46 -0.89
N ASP A 420 -10.10 -4.59 -2.21
CA ASP A 420 -11.27 -4.91 -3.08
C ASP A 420 -11.96 -6.16 -2.51
N LYS A 421 -13.28 -6.24 -2.64
CA LYS A 421 -14.10 -7.38 -2.12
C LYS A 421 -13.60 -8.70 -2.71
N GLN A 422 -13.05 -8.69 -3.94
CA GLN A 422 -12.46 -9.88 -4.63
C GLN A 422 -11.38 -10.55 -3.75
N VAL A 423 -10.59 -9.78 -3.00
CA VAL A 423 -9.51 -10.35 -2.14
C VAL A 423 -10.16 -11.21 -1.05
N GLN A 424 -11.31 -10.80 -0.51
CA GLN A 424 -12.04 -11.57 0.54
C GLN A 424 -12.51 -12.92 0.00
N LYS A 425 -12.92 -12.99 -1.27
CA LYS A 425 -13.38 -14.25 -1.93
C LYS A 425 -12.22 -15.26 -1.97
N ALA A 426 -11.00 -14.79 -2.28
CA ALA A 426 -9.75 -15.61 -2.31
C ALA A 426 -9.37 -16.08 -0.89
N SER A 427 -9.74 -15.32 0.16
CA SER A 427 -9.34 -15.57 1.57
C SER A 427 -10.31 -16.52 2.30
N LEU A 428 -11.42 -16.95 1.66
CA LEU A 428 -12.46 -17.79 2.32
C LEU A 428 -11.86 -19.12 2.82
N GLY A 429 -10.79 -19.62 2.16
CA GLY A 429 -10.04 -20.83 2.57
C GLY A 429 -9.40 -20.71 3.95
N ILE A 430 -8.53 -19.72 4.14
CA ILE A 430 -7.85 -19.41 5.44
C ILE A 430 -8.89 -18.92 6.46
N MET A 431 -9.84 -18.06 6.05
CA MET A 431 -10.79 -17.41 6.98
C MET A 431 -11.66 -18.46 7.67
N GLY A 432 -11.83 -18.33 8.99
CA GLY A 432 -12.63 -19.25 9.82
C GLY A 432 -11.87 -20.48 10.29
N THR A 433 -10.58 -20.62 9.95
CA THR A 433 -9.73 -21.78 10.34
C THR A 433 -8.84 -21.39 11.52
N GLU A 434 -8.18 -22.39 12.12
CA GLU A 434 -7.35 -22.24 13.35
C GLU A 434 -6.13 -21.32 13.09
N LYS A 435 -5.75 -21.10 11.83
CA LYS A 435 -4.54 -20.30 11.47
C LYS A 435 -4.92 -18.89 11.02
N CYS A 436 -6.22 -18.54 10.97
CA CYS A 436 -6.69 -17.23 10.48
C CYS A 436 -6.35 -16.14 11.51
N CYS A 437 -6.99 -16.21 12.67
CA CYS A 437 -6.89 -15.16 13.73
C CYS A 437 -7.40 -15.71 15.05
N ASP A 438 -7.11 -14.99 16.14
CA ASP A 438 -7.53 -15.38 17.51
C ASP A 438 -9.06 -15.58 17.54
N ASN A 439 -9.83 -14.73 16.87
CA ASN A 439 -11.31 -14.79 16.94
C ASN A 439 -11.87 -15.96 16.13
N CYS A 440 -11.17 -16.43 15.09
CA CYS A 440 -11.58 -17.62 14.29
C CYS A 440 -11.18 -18.92 15.01
N ARG A 441 -10.19 -18.90 15.91
CA ARG A 441 -9.72 -20.09 16.66
C ARG A 441 -10.70 -20.46 17.77
N SER A 442 -11.32 -19.44 18.38
CA SER A 442 -12.21 -19.53 19.56
C SER A 442 -13.44 -20.39 19.26
ZN ZN B . -10.19 -14.85 11.25
C2 A1CEY C . -4.09 -9.92 6.67
C5 A1CEY C . -3.40 -9.10 5.62
C6 A1CEY C . -3.63 -9.34 4.28
C7 A1CEY C . -3.00 -8.57 3.33
C8 A1CEY C . -2.08 -7.57 3.69
C12 A1CEY C . 0.34 -6.10 1.22
N13 A1CEY C . 1.79 -5.93 1.25
C15 A1CEY C . 1.72 -3.44 1.98
C16 A1CEY C . 0.99 -3.54 3.34
C17 A1CEY C . 2.83 -2.38 2.02
C18 A1CEY C . 4.15 -3.21 2.05
C19 A1CEY C . 5.10 -2.62 0.99
C23 A1CEY C . 4.83 -3.17 3.42
C24 A1CEY C . 7.37 -0.71 2.91
O25 A1CEY C . 7.86 -0.76 4.02
C30 A1CEY C . 9.96 -0.39 0.23
C31 A1CEY C . 9.16 -0.96 1.22
C33 A1CEY C . 3.75 -4.61 1.66
C34 A1CEY C . 4.56 -5.74 1.33
C38 A1CEY C . 3.45 -8.86 0.24
C40 A1CEY C . 2.59 -6.98 0.88
F1 A1CEY C . -5.09 -9.17 7.24
F3 A1CEY C . -4.66 -11.08 6.16
F4 A1CEY C . -3.18 -10.33 7.63
N9 A1CEY C . -1.49 -6.88 2.62
C10 A1CEY C . -0.15 -6.84 2.44
O11 A1CEY C . 0.64 -7.37 3.21
C14 A1CEY C . 2.39 -4.74 1.60
C20 A1CEY C . 5.49 -1.18 1.33
N21 A1CEY C . 6.13 -1.20 2.68
C22 A1CEY C . 5.33 -1.77 3.78
C26 A1CEY C . 8.21 -0.14 1.86
N27 A1CEY C . 8.06 1.15 1.52
C28 A1CEY C . 8.82 1.70 0.58
C29 A1CEY C . 9.78 0.96 -0.09
O32 A1CEY C . 9.30 -2.26 1.57
O35 A1CEY C . 5.79 -5.71 1.36
N36 A1CEY C . 3.95 -6.88 0.95
N37 A1CEY C . 4.47 -8.10 0.54
N39 A1CEY C . 2.31 -8.18 0.46
N41 A1CEY C . 3.50 -10.17 -0.19
C42 A1CEY C . 2.42 -10.59 -1.09
C43 A1CEY C . 2.44 -12.11 -1.19
O44 A1CEY C . 3.75 -12.55 -1.54
C45 A1CEY C . 4.77 -12.21 -0.60
C46 A1CEY C . 4.84 -10.68 -0.50
C47 A1CEY C . -1.84 -7.33 5.04
CL4 A1CEY C . -0.77 -6.06 5.51
C49 A1CEY C . -2.51 -8.09 6.00
C1 EDO D . -3.68 -2.46 -19.64
O1 EDO D . -2.59 -3.36 -19.55
C2 EDO D . -3.75 -1.49 -18.52
O2 EDO D . -4.13 -2.05 -17.29
C1 EDO E . -0.54 -19.92 18.41
O1 EDO E . -0.26 -18.55 18.24
C2 EDO E . -1.81 -20.14 19.14
O2 EDO E . -2.96 -19.74 18.43
C1 EDO F . -12.80 0.43 -9.11
O1 EDO F . -12.84 -0.84 -9.72
C2 EDO F . -13.31 0.42 -7.72
O2 EDO F . -12.31 0.25 -6.76
C1 EDO G . -14.59 13.94 -18.06
O1 EDO G . -13.28 14.45 -17.94
C2 EDO G . -14.70 12.92 -19.14
O2 EDO G . -14.46 13.44 -20.44
C1 EDO H . 6.40 -4.13 -3.05
O1 EDO H . 7.41 -3.93 -4.02
C2 EDO H . 6.90 -4.85 -1.86
O2 EDO H . 8.23 -4.53 -1.54
C1 EDO I . -16.77 9.64 -26.14
O1 EDO I . -17.21 10.40 -25.03
C2 EDO I . -16.86 8.18 -25.88
O2 EDO I . -18.05 7.79 -25.21
C1 EDO J . 2.34 -17.33 20.87
O1 EDO J . 3.42 -17.93 20.20
C2 EDO J . 2.78 -16.46 22.00
O2 EDO J . 1.81 -16.25 23.02
S DMS K . -13.51 13.01 -30.26
O DMS K . -14.89 13.54 -30.03
C1 DMS K . -13.66 11.78 -31.53
C2 DMS K . -13.18 11.92 -28.91
C1 EDO L . 11.03 7.55 16.22
O1 EDO L . 12.16 7.03 15.55
C2 EDO L . 11.37 8.38 17.38
O2 EDO L . 10.27 8.90 18.09
#